data_5IH5
#
_entry.id   5IH5
#
_cell.length_a   65.070
_cell.length_b   65.070
_cell.length_c   151.480
_cell.angle_alpha   90.000
_cell.angle_beta   90.000
_cell.angle_gamma   120.000
#
_symmetry.space_group_name_H-M   'P 31 2 1'
#
loop_
_entity.id
_entity.type
_entity.pdbx_description
1 polymer 'Casein kinase I isoform delta'
2 non-polymer 'ZINC ION'
3 non-polymer 6-(3-chlorophenyl)pteridine-2,4,7-triamine
4 non-polymer 'S,R MESO-TARTARIC ACID'
5 non-polymer 'SULFATE ION'
6 water water
#
_entity_poly.entity_id   1
_entity_poly.type   'polypeptide(L)'
_entity_poly.pdbx_seq_one_letter_code
;MELRVGNRYRLGRKIGSGSFGDIYLGTDIAAGEEVAIKLECVKTKHPQLHIESKIYKMMQGGVGIPTIRWCGAEGDYNVM
VMELLGPSLEDLFNFCSRKFSLKTVLLLADQMISRIEYIHSKNFIHRDVKPDNFLMGLGKKGNLVYIIDFGLAKKYRDAR
THQHIPYRENKNLTGTARYASINTHLGIEQSRRDDLESLGYVLMYFNLGSLPWQGLKAATKRQKYERISEKKMSTPIEVL
CKGYPSEFATYLNFCRSLRFDDKPDYSYLRQLFRNLFHRQGFSYDYVFDWNMLK
;
_entity_poly.pdbx_strand_id   A
#
# COMPACT_ATOMS: atom_id res chain seq x y z
N GLU A 2 -31.90 -4.93 -4.64
CA GLU A 2 -31.11 -6.20 -4.89
C GLU A 2 -30.52 -6.14 -6.28
N LEU A 3 -29.45 -5.35 -6.39
CA LEU A 3 -28.79 -5.11 -7.65
C LEU A 3 -27.87 -6.27 -7.95
N ARG A 4 -27.90 -6.66 -9.23
CA ARG A 4 -27.20 -7.83 -9.70
C ARG A 4 -26.25 -7.49 -10.81
N VAL A 5 -25.02 -7.93 -10.64
CA VAL A 5 -24.00 -7.66 -11.64
C VAL A 5 -24.15 -8.78 -12.64
N GLY A 6 -24.99 -8.51 -13.63
CA GLY A 6 -25.39 -9.51 -14.62
C GLY A 6 -26.08 -10.68 -13.91
N ASN A 7 -25.82 -11.90 -14.38
CA ASN A 7 -26.28 -13.14 -13.70
C ASN A 7 -25.51 -13.54 -12.45
N ARG A 8 -24.20 -13.38 -12.54
CA ARG A 8 -23.25 -14.09 -11.66
C ARG A 8 -23.20 -13.58 -10.21
N TYR A 9 -23.21 -12.24 -10.06
CA TYR A 9 -22.99 -11.63 -8.76
C TYR A 9 -24.09 -10.71 -8.35
N ARG A 10 -24.35 -10.76 -7.04
CA ARG A 10 -25.27 -9.84 -6.41
C ARG A 10 -24.50 -8.94 -5.49
N LEU A 11 -24.72 -7.64 -5.64
CA LEU A 11 -24.05 -6.67 -4.82
C LEU A 11 -24.57 -6.62 -3.39
N GLY A 12 -23.67 -6.33 -2.45
CA GLY A 12 -23.96 -6.13 -1.03
C GLY A 12 -23.45 -4.75 -0.63
N ARG A 13 -23.14 -4.55 0.65
CA ARG A 13 -22.84 -3.22 1.14
C ARG A 13 -21.50 -2.64 0.72
N LYS A 14 -21.38 -1.33 0.80
CA LYS A 14 -20.11 -0.67 0.61
C LYS A 14 -19.21 -1.11 1.75
N ILE A 15 -18.01 -1.55 1.39
CA ILE A 15 -17.02 -1.97 2.35
C ILE A 15 -15.78 -1.15 2.27
N GLY A 16 -15.62 -0.32 1.25
CA GLY A 16 -14.39 0.35 1.05
C GLY A 16 -14.47 1.48 0.09
N SER A 17 -13.41 2.24 0.13
CA SER A 17 -13.23 3.45 -0.62
C SER A 17 -11.92 3.31 -1.37
N GLY A 18 -11.95 3.28 -2.69
CA GLY A 18 -10.70 3.22 -3.51
C GLY A 18 -10.31 4.59 -4.07
N SER A 19 -9.13 4.65 -4.71
CA SER A 19 -8.66 5.92 -5.32
C SER A 19 -9.64 6.46 -6.38
N PHE A 20 -10.25 5.53 -7.13
CA PHE A 20 -11.31 5.86 -8.07
C PHE A 20 -12.46 4.94 -7.77
N GLY A 21 -13.49 5.38 -7.10
CA GLY A 21 -14.64 4.52 -6.86
C GLY A 21 -14.55 3.58 -5.66
N ASP A 22 -15.72 3.13 -5.24
CA ASP A 22 -15.88 2.40 -4.02
C ASP A 22 -15.98 0.96 -4.29
N ILE A 23 -15.86 0.20 -3.19
CA ILE A 23 -15.76 -1.23 -3.21
C ILE A 23 -16.92 -1.74 -2.45
N TYR A 24 -17.54 -2.74 -3.07
CA TYR A 24 -18.73 -3.34 -2.51
C TYR A 24 -18.48 -4.81 -2.25
N LEU A 25 -19.13 -5.27 -1.21
CA LEU A 25 -19.20 -6.69 -0.94
C LEU A 25 -20.08 -7.35 -2.02
N GLY A 26 -19.69 -8.50 -2.51
CA GLY A 26 -20.50 -9.20 -3.50
C GLY A 26 -20.66 -10.63 -3.05
N THR A 27 -21.67 -11.29 -3.59
CA THR A 27 -21.73 -12.74 -3.54
C THR A 27 -21.59 -13.29 -4.99
N ASP A 28 -20.78 -14.33 -5.14
CA ASP A 28 -20.73 -15.08 -6.37
C ASP A 28 -21.88 -16.09 -6.22
N ILE A 29 -22.84 -16.00 -7.12
CA ILE A 29 -24.07 -16.80 -7.07
C ILE A 29 -23.75 -18.26 -7.39
N ALA A 30 -22.87 -18.46 -8.38
CA ALA A 30 -22.35 -19.78 -8.77
C ALA A 30 -21.54 -20.46 -7.66
N ALA A 31 -20.79 -19.70 -6.86
CA ALA A 31 -19.90 -20.30 -5.90
C ALA A 31 -20.43 -20.44 -4.46
N GLY A 32 -21.51 -19.73 -4.06
CA GLY A 32 -21.83 -19.60 -2.62
C GLY A 32 -20.62 -19.00 -1.87
N GLU A 33 -20.14 -17.86 -2.35
CA GLU A 33 -18.84 -17.31 -2.01
C GLU A 33 -18.92 -15.80 -2.00
N GLU A 34 -18.28 -15.14 -1.06
CA GLU A 34 -18.23 -13.66 -1.06
C GLU A 34 -17.04 -13.15 -1.87
N VAL A 35 -17.20 -11.98 -2.49
CA VAL A 35 -16.13 -11.32 -3.30
C VAL A 35 -16.17 -9.83 -3.11
N ALA A 36 -15.22 -9.13 -3.67
CA ALA A 36 -15.17 -7.67 -3.64
C ALA A 36 -15.36 -7.17 -5.03
N ILE A 37 -16.23 -6.17 -5.15
CA ILE A 37 -16.67 -5.63 -6.44
C ILE A 37 -16.44 -4.14 -6.55
N LYS A 38 -15.85 -3.76 -7.66
CA LYS A 38 -15.71 -2.37 -8.05
C LYS A 38 -16.51 -2.14 -9.32
N LEU A 39 -17.18 -0.98 -9.40
CA LEU A 39 -17.99 -0.58 -10.54
C LEU A 39 -17.53 0.74 -11.06
N GLU A 40 -17.64 0.91 -12.35
CA GLU A 40 -17.32 2.16 -13.02
C GLU A 40 -18.38 2.35 -14.10
N CYS A 41 -19.03 3.52 -14.11
CA CYS A 41 -19.90 3.88 -15.20
CA CYS A 41 -19.89 3.90 -15.20
C CYS A 41 -19.12 3.87 -16.48
N VAL A 42 -19.68 3.23 -17.52
CA VAL A 42 -19.00 3.18 -18.82
C VAL A 42 -18.76 4.59 -19.38
N LYS A 43 -19.65 5.54 -19.04
CA LYS A 43 -19.58 6.94 -19.49
C LYS A 43 -18.60 7.81 -18.75
N THR A 44 -17.94 7.29 -17.73
CA THR A 44 -16.88 8.02 -17.06
C THR A 44 -15.94 8.61 -18.07
N LYS A 45 -15.46 9.80 -17.78
CA LYS A 45 -14.75 10.60 -18.80
C LYS A 45 -13.41 9.98 -19.10
N HIS A 46 -12.74 9.51 -18.06
CA HIS A 46 -11.48 8.76 -18.21
C HIS A 46 -11.58 7.44 -17.47
N PRO A 47 -11.97 6.35 -18.17
CA PRO A 47 -12.08 5.04 -17.54
C PRO A 47 -10.71 4.48 -17.16
N GLN A 48 -10.64 3.86 -16.00
CA GLN A 48 -9.40 3.25 -15.54
C GLN A 48 -9.52 1.85 -14.93
N LEU A 49 -10.73 1.32 -14.85
CA LEU A 49 -10.95 0.05 -14.16
C LEU A 49 -10.30 -1.11 -14.85
N HIS A 50 -10.44 -1.14 -16.19
CA HIS A 50 -9.78 -2.14 -17.01
C HIS A 50 -8.27 -2.01 -16.93
N ILE A 51 -7.80 -0.78 -16.95
CA ILE A 51 -6.39 -0.47 -16.88
C ILE A 51 -5.75 -0.98 -15.59
N GLU A 52 -6.45 -0.73 -14.50
CA GLU A 52 -5.98 -1.18 -13.20
C GLU A 52 -6.04 -2.71 -13.11
N SER A 53 -7.08 -3.33 -13.63
CA SER A 53 -7.18 -4.81 -13.61
C SER A 53 -6.04 -5.45 -14.33
N LYS A 54 -5.61 -4.81 -15.40
CA LYS A 54 -4.54 -5.32 -16.22
C LYS A 54 -3.24 -5.37 -15.43
N ILE A 55 -3.03 -4.35 -14.59
CA ILE A 55 -1.88 -4.31 -13.70
C ILE A 55 -1.96 -5.49 -12.75
N TYR A 56 -3.06 -5.66 -12.05
CA TYR A 56 -3.22 -6.80 -11.13
C TYR A 56 -2.91 -8.10 -11.82
N LYS A 57 -3.42 -8.26 -13.02
CA LYS A 57 -3.20 -9.50 -13.82
C LYS A 57 -1.78 -9.69 -14.23
N MET A 58 -1.10 -8.60 -14.56
CA MET A 58 0.34 -8.66 -14.81
CA MET A 58 0.33 -8.62 -14.81
C MET A 58 1.07 -9.13 -13.58
N MET A 59 0.65 -8.68 -12.41
CA MET A 59 1.30 -9.01 -11.15
C MET A 59 0.89 -10.40 -10.63
N GLN A 60 -0.05 -11.08 -11.28
CA GLN A 60 -0.70 -12.21 -10.61
C GLN A 60 0.32 -13.28 -10.29
N GLY A 61 0.12 -13.97 -9.18
CA GLY A 61 1.08 -14.99 -8.77
C GLY A 61 2.14 -14.55 -7.82
N GLY A 62 2.51 -13.24 -7.88
CA GLY A 62 3.30 -12.68 -6.82
C GLY A 62 2.72 -12.89 -5.44
N VAL A 63 3.60 -13.06 -4.45
CA VAL A 63 3.17 -13.16 -3.08
C VAL A 63 2.38 -11.84 -2.69
N GLY A 64 1.19 -12.00 -2.13
CA GLY A 64 0.46 -10.86 -1.50
C GLY A 64 -0.20 -9.95 -2.51
N ILE A 65 -0.44 -10.49 -3.70
CA ILE A 65 -1.14 -9.83 -4.76
C ILE A 65 -2.51 -10.42 -4.92
N PRO A 66 -3.55 -9.58 -4.89
CA PRO A 66 -4.89 -10.15 -4.97
C PRO A 66 -5.19 -10.60 -6.36
N THR A 67 -6.06 -11.60 -6.44
CA THR A 67 -6.47 -12.17 -7.64
C THR A 67 -7.74 -11.51 -8.12
N ILE A 68 -7.77 -11.22 -9.42
CA ILE A 68 -8.95 -10.73 -10.13
C ILE A 68 -9.80 -11.90 -10.66
N ARG A 69 -11.03 -11.98 -10.20
CA ARG A 69 -11.95 -13.01 -10.64
C ARG A 69 -12.52 -12.68 -12.01
N TRP A 70 -12.83 -11.42 -12.25
CA TRP A 70 -13.34 -10.97 -13.52
C TRP A 70 -13.16 -9.47 -13.72
N CYS A 71 -12.90 -9.13 -14.97
CA CYS A 71 -12.97 -7.77 -15.43
C CYS A 71 -13.72 -7.76 -16.76
N GLY A 72 -14.78 -6.96 -16.85
CA GLY A 72 -15.50 -6.80 -18.10
C GLY A 72 -16.53 -5.71 -18.04
N ALA A 73 -17.19 -5.48 -19.16
CA ALA A 73 -18.34 -4.60 -19.23
C ALA A 73 -19.63 -5.39 -19.01
N GLU A 74 -20.57 -4.77 -18.33
CA GLU A 74 -21.89 -5.39 -18.05
C GLU A 74 -22.91 -4.29 -17.86
N GLY A 75 -23.93 -4.23 -18.72
CA GLY A 75 -24.90 -3.12 -18.72
C GLY A 75 -24.18 -1.79 -18.85
N ASP A 76 -24.43 -0.86 -17.93
CA ASP A 76 -23.82 0.48 -17.99
C ASP A 76 -22.55 0.59 -17.21
N TYR A 77 -21.98 -0.55 -16.82
CA TYR A 77 -20.77 -0.49 -16.02
C TYR A 77 -19.65 -1.37 -16.49
N ASN A 78 -18.45 -0.87 -16.32
CA ASN A 78 -17.29 -1.72 -16.29
C ASN A 78 -17.19 -2.25 -14.88
N VAL A 79 -16.88 -3.53 -14.76
CA VAL A 79 -16.87 -4.22 -13.47
C VAL A 79 -15.53 -4.90 -13.26
N MET A 80 -15.02 -4.82 -12.03
CA MET A 80 -13.90 -5.62 -11.53
C MET A 80 -14.34 -6.40 -10.29
N VAL A 81 -14.19 -7.71 -10.33
CA VAL A 81 -14.44 -8.55 -9.18
C VAL A 81 -13.09 -9.11 -8.74
N MET A 82 -12.76 -8.97 -7.46
CA MET A 82 -11.61 -9.67 -6.91
C MET A 82 -11.88 -10.51 -5.72
N GLU A 83 -10.97 -11.42 -5.43
CA GLU A 83 -11.03 -12.27 -4.24
C GLU A 83 -11.11 -11.35 -3.01
N LEU A 84 -11.95 -11.74 -2.07
CA LEU A 84 -12.11 -11.00 -0.83
C LEU A 84 -10.95 -11.23 0.12
N LEU A 85 -10.46 -10.19 0.73
CA LEU A 85 -9.37 -10.25 1.66
C LEU A 85 -9.83 -9.78 3.04
N GLY A 86 -8.92 -9.86 4.01
CA GLY A 86 -9.14 -9.44 5.35
C GLY A 86 -8.99 -7.95 5.55
N PRO A 87 -8.98 -7.55 6.81
CA PRO A 87 -8.99 -6.10 7.12
C PRO A 87 -7.72 -5.39 6.71
N SER A 88 -7.75 -4.08 6.54
CA SER A 88 -6.55 -3.30 6.25
C SER A 88 -5.77 -3.06 7.52
N LEU A 89 -4.52 -2.66 7.35
CA LEU A 89 -3.70 -2.36 8.49
C LEU A 89 -4.20 -1.13 9.25
N GLU A 90 -4.88 -0.19 8.58
CA GLU A 90 -5.45 0.91 9.30
C GLU A 90 -6.54 0.39 10.26
N ASP A 91 -7.40 -0.49 9.75
CA ASP A 91 -8.48 -1.11 10.54
C ASP A 91 -7.93 -1.83 11.79
N LEU A 92 -6.86 -2.60 11.54
CA LEU A 92 -6.20 -3.35 12.60
C LEU A 92 -5.50 -2.47 13.64
N PHE A 93 -4.95 -1.36 13.15
CA PHE A 93 -4.32 -0.38 13.98
C PHE A 93 -5.29 0.15 15.02
N ASN A 94 -6.47 0.49 14.56
CA ASN A 94 -7.54 0.96 15.44
C ASN A 94 -8.02 -0.05 16.46
N PHE A 95 -8.11 -1.33 16.09
CA PHE A 95 -8.40 -2.42 17.07
C PHE A 95 -7.28 -2.68 18.09
N CYS A 96 -6.06 -2.24 17.79
CA CYS A 96 -4.91 -2.43 18.68
C CYS A 96 -4.54 -1.14 19.38
N SER A 97 -5.54 -0.29 19.61
CA SER A 97 -5.40 0.93 20.37
C SER A 97 -4.47 1.94 19.70
N ARG A 98 -4.42 1.87 18.37
CA ARG A 98 -3.55 2.73 17.52
C ARG A 98 -2.08 2.76 18.01
N LYS A 99 -1.58 1.59 18.39
CA LYS A 99 -0.17 1.42 18.72
C LYS A 99 0.17 -0.03 18.46
N PHE A 100 1.19 -0.27 17.63
CA PHE A 100 1.64 -1.65 17.39
C PHE A 100 2.86 -1.93 18.23
N SER A 101 3.01 -3.16 18.71
CA SER A 101 4.27 -3.60 19.33
C SER A 101 5.37 -3.59 18.29
N LEU A 102 6.62 -3.46 18.73
CA LEU A 102 7.76 -3.38 17.79
C LEU A 102 7.80 -4.69 16.99
N LYS A 103 7.48 -5.84 17.61
CA LYS A 103 7.50 -7.10 16.92
C LYS A 103 6.56 -7.08 15.71
N THR A 104 5.33 -6.60 15.94
CA THR A 104 4.34 -6.49 14.87
C THR A 104 4.91 -5.56 13.77
N VAL A 105 5.46 -4.41 14.15
CA VAL A 105 5.97 -3.49 13.19
C VAL A 105 7.07 -4.13 12.30
N LEU A 106 7.93 -4.92 12.91
CA LEU A 106 9.00 -5.55 12.22
C LEU A 106 8.53 -6.63 11.30
N LEU A 107 7.56 -7.45 11.76
CA LEU A 107 7.02 -8.45 10.93
C LEU A 107 6.36 -7.85 9.73
N LEU A 108 5.64 -6.73 9.94
CA LEU A 108 4.98 -6.06 8.83
C LEU A 108 6.07 -5.42 7.88
N ALA A 109 7.08 -4.80 8.42
CA ALA A 109 8.00 -4.05 7.60
C ALA A 109 8.75 -5.10 6.62
N ASP A 110 9.02 -6.30 7.12
CA ASP A 110 9.60 -7.33 6.28
C ASP A 110 8.75 -7.65 5.07
N GLN A 111 7.46 -7.88 5.29
CA GLN A 111 6.54 -8.17 4.19
C GLN A 111 6.31 -7.00 3.28
N MET A 112 6.09 -5.81 3.88
CA MET A 112 5.76 -4.66 3.12
C MET A 112 6.92 -4.21 2.21
N ILE A 113 8.15 -4.28 2.70
CA ILE A 113 9.30 -4.03 1.85
C ILE A 113 9.33 -5.00 0.69
N SER A 114 8.98 -6.25 0.93
CA SER A 114 9.01 -7.22 -0.12
C SER A 114 7.95 -6.95 -1.14
N ARG A 115 6.72 -6.57 -0.71
CA ARG A 115 5.67 -6.27 -1.72
C ARG A 115 6.17 -5.06 -2.66
N ILE A 116 6.67 -4.02 -2.06
CA ILE A 116 7.10 -2.84 -2.84
C ILE A 116 8.25 -3.29 -3.79
N GLU A 117 9.19 -4.09 -3.29
CA GLU A 117 10.21 -4.71 -4.19
C GLU A 117 9.59 -5.43 -5.37
N TYR A 118 8.54 -6.20 -5.10
CA TYR A 118 7.93 -7.00 -6.15
C TYR A 118 7.22 -6.19 -7.19
N ILE A 119 6.44 -5.23 -6.74
CA ILE A 119 5.84 -4.32 -7.70
C ILE A 119 6.95 -3.61 -8.60
N HIS A 120 8.05 -3.16 -7.96
CA HIS A 120 9.13 -2.47 -8.65
C HIS A 120 9.75 -3.43 -9.68
N SER A 121 9.78 -4.73 -9.33
CA SER A 121 10.31 -5.76 -10.23
C SER A 121 9.47 -5.92 -11.50
N LYS A 122 8.19 -5.55 -11.39
CA LYS A 122 7.24 -5.56 -12.50
C LYS A 122 7.08 -4.23 -13.17
N ASN A 123 8.01 -3.31 -12.93
CA ASN A 123 8.18 -2.03 -13.64
C ASN A 123 7.19 -0.99 -13.23
N PHE A 124 6.58 -1.17 -12.06
CA PHE A 124 5.61 -0.21 -11.57
C PHE A 124 6.02 0.36 -10.24
N ILE A 125 5.50 1.57 -9.96
CA ILE A 125 5.57 2.17 -8.68
C ILE A 125 4.14 2.36 -8.27
N HIS A 126 3.89 2.29 -6.99
CA HIS A 126 2.55 2.29 -6.45
C HIS A 126 2.00 3.67 -6.24
N ARG A 127 2.82 4.53 -5.66
CA ARG A 127 2.56 5.95 -5.46
C ARG A 127 1.55 6.35 -4.41
N ASP A 128 0.88 5.36 -3.78
CA ASP A 128 0.04 5.60 -2.62
C ASP A 128 0.25 4.53 -1.59
N VAL A 129 1.49 4.49 -1.12
CA VAL A 129 1.82 3.67 0.00
C VAL A 129 1.24 4.27 1.30
N LYS A 130 0.38 3.47 1.93
CA LYS A 130 -0.29 3.86 3.13
C LYS A 130 -0.98 2.63 3.81
N PRO A 131 -1.33 2.77 5.11
CA PRO A 131 -1.89 1.64 5.86
C PRO A 131 -3.11 1.01 5.25
N ASP A 132 -3.96 1.85 4.67
CA ASP A 132 -5.22 1.43 4.06
C ASP A 132 -5.05 0.53 2.84
N ASN A 133 -3.90 0.63 2.19
CA ASN A 133 -3.60 -0.16 1.01
C ASN A 133 -2.83 -1.45 1.26
N PHE A 134 -2.74 -1.85 2.51
CA PHE A 134 -2.26 -3.14 2.87
C PHE A 134 -3.31 -3.88 3.62
N LEU A 135 -3.58 -5.11 3.25
CA LEU A 135 -4.67 -5.90 3.83
C LEU A 135 -4.16 -7.27 4.15
N MET A 136 -4.66 -7.81 5.25
CA MET A 136 -4.30 -9.18 5.61
C MET A 136 -5.10 -10.17 4.84
N GLY A 137 -4.56 -11.34 4.63
CA GLY A 137 -5.34 -12.38 3.93
C GLY A 137 -6.36 -13.04 4.88
N LEU A 138 -7.14 -13.95 4.32
CA LEU A 138 -8.12 -14.72 5.10
C LEU A 138 -7.63 -16.12 5.30
N GLY A 139 -8.28 -16.86 6.22
CA GLY A 139 -8.04 -18.29 6.45
C GLY A 139 -6.57 -18.56 6.70
N LYS A 140 -6.02 -19.37 5.80
CA LYS A 140 -4.65 -19.84 5.83
C LYS A 140 -3.71 -18.71 5.45
N LYS A 141 -4.22 -17.70 4.79
CA LYS A 141 -3.39 -16.53 4.41
C LYS A 141 -3.52 -15.38 5.39
N GLY A 142 -4.09 -15.64 6.58
CA GLY A 142 -4.24 -14.59 7.59
C GLY A 142 -2.95 -13.90 8.02
N ASN A 143 -1.84 -14.63 7.91
CA ASN A 143 -0.48 -14.15 8.21
CA ASN A 143 -0.51 -14.10 8.24
C ASN A 143 0.17 -13.36 7.10
N LEU A 144 -0.48 -13.27 5.94
CA LEU A 144 0.06 -12.63 4.77
C LEU A 144 -0.47 -11.26 4.56
N VAL A 145 0.44 -10.30 4.33
CA VAL A 145 0.11 -8.99 3.96
C VAL A 145 0.01 -8.89 2.43
N TYR A 146 -1.16 -8.42 1.96
CA TYR A 146 -1.35 -8.05 0.59
C TYR A 146 -1.27 -6.49 0.38
N ILE A 147 -0.76 -6.12 -0.78
CA ILE A 147 -0.85 -4.76 -1.26
C ILE A 147 -1.98 -4.57 -2.29
N ILE A 148 -2.70 -3.46 -2.22
CA ILE A 148 -3.83 -3.22 -3.09
C ILE A 148 -3.85 -1.83 -3.64
N ASP A 149 -4.76 -1.61 -4.59
CA ASP A 149 -5.09 -0.36 -5.19
C ASP A 149 -4.00 0.15 -6.07
N PHE A 150 -4.12 -0.09 -7.35
CA PHE A 150 -3.11 0.37 -8.28
C PHE A 150 -3.61 1.52 -9.13
N GLY A 151 -4.57 2.26 -8.60
CA GLY A 151 -5.19 3.32 -9.33
C GLY A 151 -4.29 4.54 -9.53
N LEU A 152 -3.31 4.75 -8.66
CA LEU A 152 -2.31 5.81 -8.85
C LEU A 152 -1.01 5.30 -9.31
N ALA A 153 -0.96 3.99 -9.57
CA ALA A 153 0.28 3.31 -9.97
C ALA A 153 0.71 3.81 -11.31
N LYS A 154 1.97 3.70 -11.57
CA LYS A 154 2.53 4.21 -12.82
C LYS A 154 3.67 3.32 -13.18
N LYS A 155 3.82 3.06 -14.46
CA LYS A 155 4.98 2.33 -14.95
C LYS A 155 6.21 3.29 -14.88
N TYR A 156 7.31 2.89 -14.22
CA TYR A 156 8.49 3.76 -14.07
C TYR A 156 9.60 3.40 -15.08
N ARG A 157 9.51 2.22 -15.70
CA ARG A 157 10.47 1.88 -16.73
C ARG A 157 9.85 1.00 -17.79
N ASP A 158 10.37 1.14 -19.02
CA ASP A 158 9.99 0.29 -20.15
C ASP A 158 10.33 -1.14 -19.81
N ALA A 159 9.42 -2.07 -20.07
CA ALA A 159 9.61 -3.49 -19.71
C ALA A 159 10.78 -4.14 -20.46
N ARG A 160 11.03 -3.78 -21.70
CA ARG A 160 12.09 -4.49 -22.45
C ARG A 160 13.44 -3.84 -22.25
N THR A 161 13.52 -2.55 -22.55
CA THR A 161 14.78 -1.78 -22.48
C THR A 161 15.14 -1.41 -21.04
N HIS A 162 14.15 -1.26 -20.15
CA HIS A 162 14.37 -0.79 -18.79
C HIS A 162 14.72 0.69 -18.74
N GLN A 163 14.47 1.43 -19.82
CA GLN A 163 14.63 2.88 -19.84
C GLN A 163 13.75 3.51 -18.76
N HIS A 164 14.36 4.24 -17.84
CA HIS A 164 13.62 4.84 -16.71
C HIS A 164 12.87 6.05 -17.21
N ILE A 165 11.70 6.32 -16.61
CA ILE A 165 10.92 7.53 -16.91
C ILE A 165 11.76 8.79 -16.64
N PRO A 166 11.52 9.87 -17.38
CA PRO A 166 12.37 11.06 -17.24
C PRO A 166 12.11 11.81 -15.94
N TYR A 167 13.16 12.44 -15.44
CA TYR A 167 13.01 13.32 -14.33
C TYR A 167 12.05 14.46 -14.68
N ARG A 168 11.12 14.81 -13.78
CA ARG A 168 10.29 16.01 -13.94
C ARG A 168 10.01 16.68 -12.60
N GLU A 169 9.63 17.94 -12.68
CA GLU A 169 9.26 18.77 -11.53
C GLU A 169 7.86 19.36 -11.74
N ASN A 170 7.39 20.18 -10.80
CA ASN A 170 6.07 20.83 -10.81
C ASN A 170 4.86 19.86 -10.86
N LYS A 171 5.06 18.63 -10.40
CA LYS A 171 3.98 17.63 -10.37
C LYS A 171 3.03 17.94 -9.25
N ASN A 172 1.73 17.76 -9.46
CA ASN A 172 0.81 17.84 -8.36
C ASN A 172 0.85 16.52 -7.65
N LEU A 173 0.55 16.59 -6.36
CA LEU A 173 0.78 15.49 -5.45
C LEU A 173 -0.24 14.45 -5.76
N THR A 174 0.22 13.22 -5.86
CA THR A 174 -0.65 12.06 -5.99
C THR A 174 -0.43 11.22 -4.72
N GLY A 175 -1.50 10.64 -4.18
CA GLY A 175 -1.43 9.90 -2.93
C GLY A 175 -1.70 10.77 -1.71
N THR A 176 -1.63 10.17 -0.52
CA THR A 176 -1.94 10.85 0.74
C THR A 176 -0.80 11.70 1.18
N ALA A 177 -1.09 12.97 1.51
CA ALA A 177 -0.03 13.89 1.86
C ALA A 177 0.70 13.44 3.16
N ARG A 178 -0.05 12.90 4.14
CA ARG A 178 0.54 12.39 5.39
C ARG A 178 1.76 11.46 5.17
N TYR A 179 1.71 10.55 4.20
CA TYR A 179 2.82 9.65 3.97
C TYR A 179 3.63 9.99 2.74
N ALA A 180 3.39 11.12 2.13
CA ALA A 180 4.14 11.48 0.93
C ALA A 180 5.61 11.75 1.24
N SER A 181 6.49 11.45 0.29
CA SER A 181 7.90 11.75 0.43
C SER A 181 8.11 13.29 0.37
N ILE A 182 9.26 13.70 0.86
CA ILE A 182 9.66 15.10 0.76
C ILE A 182 9.74 15.58 -0.67
N ASN A 183 10.32 14.78 -1.53
CA ASN A 183 10.41 15.15 -2.94
C ASN A 183 9.08 15.23 -3.65
N THR A 184 8.15 14.41 -3.21
CA THR A 184 6.80 14.49 -3.72
C THR A 184 6.21 15.85 -3.37
N HIS A 185 6.36 16.28 -2.11
CA HIS A 185 5.93 17.60 -1.68
C HIS A 185 6.63 18.70 -2.44
N LEU A 186 7.84 18.46 -2.90
CA LEU A 186 8.57 19.42 -3.72
C LEU A 186 8.19 19.42 -5.20
N GLY A 187 7.19 18.64 -5.55
CA GLY A 187 6.76 18.55 -6.94
C GLY A 187 7.56 17.63 -7.84
N ILE A 188 8.48 16.84 -7.27
CA ILE A 188 9.31 15.98 -8.11
C ILE A 188 8.54 14.73 -8.49
N GLU A 189 8.76 14.30 -9.71
CA GLU A 189 8.22 13.07 -10.22
C GLU A 189 8.55 11.96 -9.26
N GLN A 190 7.58 11.16 -8.90
CA GLN A 190 7.81 9.99 -8.03
C GLN A 190 8.62 8.88 -8.70
N SER A 191 9.54 8.26 -7.96
CA SER A 191 10.25 7.04 -8.44
C SER A 191 10.28 5.93 -7.39
N ARG A 192 11.09 4.90 -7.59
CA ARG A 192 11.15 3.81 -6.60
C ARG A 192 11.48 4.26 -5.17
N ARG A 193 12.36 5.30 -5.07
CA ARG A 193 12.73 5.83 -3.78
C ARG A 193 11.46 6.18 -2.95
N ASP A 194 10.45 6.71 -3.62
CA ASP A 194 9.41 7.40 -2.91
C ASP A 194 8.42 6.40 -2.33
N ASP A 195 8.28 5.24 -2.99
CA ASP A 195 7.48 4.22 -2.36
C ASP A 195 8.09 3.81 -1.04
N LEU A 196 9.44 3.69 -1.03
CA LEU A 196 10.11 3.22 0.17
C LEU A 196 10.10 4.30 1.27
N GLU A 197 10.33 5.58 0.90
CA GLU A 197 10.29 6.57 1.90
C GLU A 197 8.92 6.64 2.60
N SER A 198 7.85 6.71 1.81
CA SER A 198 6.52 6.61 2.32
C SER A 198 6.27 5.47 3.29
N LEU A 199 6.83 4.34 2.97
CA LEU A 199 6.67 3.16 3.86
C LEU A 199 7.35 3.44 5.15
N GLY A 200 8.49 4.11 5.10
CA GLY A 200 9.16 4.44 6.34
C GLY A 200 8.31 5.33 7.24
N TYR A 201 7.53 6.25 6.66
CA TYR A 201 6.66 7.11 7.48
C TYR A 201 5.49 6.27 8.01
N VAL A 202 5.05 5.30 7.21
CA VAL A 202 4.02 4.40 7.65
C VAL A 202 4.52 3.63 8.87
N LEU A 203 5.75 3.16 8.79
CA LEU A 203 6.33 2.41 9.89
C LEU A 203 6.44 3.22 11.17
N MET A 204 6.92 4.47 11.06
CA MET A 204 7.00 5.31 12.20
C MET A 204 5.63 5.67 12.76
N TYR A 205 4.66 5.90 11.88
CA TYR A 205 3.27 6.02 12.20
C TYR A 205 2.79 4.88 13.07
N PHE A 206 3.16 3.65 12.71
CA PHE A 206 2.76 2.49 13.51
C PHE A 206 3.43 2.42 14.88
N ASN A 207 4.69 2.90 14.90
CA ASN A 207 5.43 3.01 16.17
C ASN A 207 4.84 4.09 17.09
N LEU A 208 4.58 5.26 16.52
CA LEU A 208 4.17 6.44 17.30
C LEU A 208 2.65 6.54 17.63
N GLY A 209 1.79 5.96 16.79
CA GLY A 209 0.36 6.17 16.84
C GLY A 209 -0.08 7.32 15.94
N SER A 210 0.87 8.15 15.51
CA SER A 210 0.55 9.45 14.95
C SER A 210 1.84 10.06 14.43
N LEU A 211 1.76 10.86 13.37
CA LEU A 211 2.91 11.63 12.93
C LEU A 211 2.79 13.11 13.37
N PRO A 212 3.94 13.79 13.49
CA PRO A 212 3.95 15.17 13.87
C PRO A 212 3.16 16.08 12.95
N TRP A 213 3.07 15.69 11.68
CA TRP A 213 2.37 16.47 10.65
C TRP A 213 0.88 16.12 10.51
N GLN A 214 0.40 15.19 11.34
CA GLN A 214 -1.05 15.04 11.55
C GLN A 214 -1.69 16.21 12.34
N GLY A 215 -2.91 16.60 11.97
CA GLY A 215 -3.82 17.38 12.80
C GLY A 215 -3.37 18.79 13.14
N LEU A 216 -3.18 19.65 12.14
CA LEU A 216 -2.47 20.94 12.35
C LEU A 216 -3.33 22.20 12.76
N GLN A 223 -3.18 25.30 1.12
CA GLN A 223 -2.40 25.73 2.29
C GLN A 223 -2.20 24.57 3.26
N LYS A 224 -3.24 23.78 3.43
CA LYS A 224 -3.13 22.52 4.17
C LYS A 224 -1.87 21.71 3.75
N TYR A 225 -1.62 21.61 2.45
CA TYR A 225 -0.43 20.91 1.98
C TYR A 225 0.86 21.58 2.44
N GLU A 226 1.01 22.85 2.07
CA GLU A 226 2.20 23.66 2.45
C GLU A 226 2.52 23.49 3.94
N ARG A 227 1.48 23.28 4.76
CA ARG A 227 1.63 23.07 6.20
C ARG A 227 2.24 21.72 6.61
N ILE A 228 1.73 20.66 5.99
CA ILE A 228 2.30 19.31 6.18
C ILE A 228 3.70 19.27 5.62
N SER A 229 3.86 19.73 4.39
CA SER A 229 5.18 19.78 3.78
C SER A 229 6.22 20.48 4.62
N GLU A 230 5.83 21.65 5.19
CA GLU A 230 6.70 22.39 6.06
C GLU A 230 7.09 21.55 7.26
N LYS A 231 6.09 21.11 8.02
CA LYS A 231 6.30 20.39 9.26
C LYS A 231 7.20 19.14 8.98
N LYS A 232 6.89 18.42 7.90
CA LYS A 232 7.67 17.26 7.47
C LYS A 232 9.11 17.59 7.18
N MET A 233 9.34 18.64 6.43
CA MET A 233 10.72 19.07 6.14
C MET A 233 11.43 19.68 7.36
N SER A 234 10.64 20.25 8.25
CA SER A 234 11.13 20.91 9.49
C SER A 234 11.42 19.95 10.62
N THR A 235 10.95 18.71 10.50
CA THR A 235 11.26 17.69 11.48
C THR A 235 12.44 16.84 10.98
N PRO A 236 13.60 16.89 11.63
CA PRO A 236 14.65 15.95 11.30
C PRO A 236 14.30 14.49 11.63
N ILE A 237 14.89 13.62 10.88
CA ILE A 237 14.58 12.18 11.05
C ILE A 237 14.93 11.69 12.46
N GLU A 238 16.07 12.19 12.97
CA GLU A 238 16.54 11.97 14.36
C GLU A 238 15.47 12.23 15.36
N VAL A 239 14.80 13.37 15.16
CA VAL A 239 13.76 13.90 16.04
C VAL A 239 12.56 13.00 15.94
N LEU A 240 12.12 12.76 14.71
CA LEU A 240 10.94 11.94 14.46
C LEU A 240 11.02 10.57 15.06
N CYS A 241 12.21 9.97 14.99
CA CYS A 241 12.38 8.57 15.37
C CYS A 241 12.90 8.37 16.79
N LYS A 242 13.10 9.47 17.52
CA LYS A 242 13.67 9.39 18.86
C LYS A 242 12.91 8.50 19.84
N GLY A 243 13.63 7.70 20.61
CA GLY A 243 13.01 6.70 21.44
C GLY A 243 12.72 5.38 20.75
N TYR A 244 13.02 5.27 19.48
CA TYR A 244 12.72 4.03 18.78
C TYR A 244 14.03 3.49 18.13
N PRO A 245 14.13 2.19 17.88
CA PRO A 245 15.42 1.63 17.40
C PRO A 245 16.00 2.36 16.24
N SER A 246 17.29 2.55 16.22
CA SER A 246 17.94 3.43 15.18
C SER A 246 17.64 3.06 13.77
N GLU A 247 17.30 1.78 13.56
CA GLU A 247 16.93 1.27 12.26
C GLU A 247 15.86 2.00 11.49
N PHE A 248 14.87 2.50 12.19
CA PHE A 248 13.84 3.36 11.57
C PHE A 248 14.37 4.65 10.98
N ALA A 249 15.34 5.25 11.63
CA ALA A 249 15.90 6.46 11.18
C ALA A 249 16.90 6.13 10.05
N THR A 250 17.61 5.00 10.18
CA THR A 250 18.58 4.58 9.17
C THR A 250 17.80 4.29 7.90
N TYR A 251 16.66 3.65 8.03
CA TYR A 251 15.79 3.36 6.89
C TYR A 251 15.44 4.65 6.16
N LEU A 252 14.93 5.63 6.89
CA LEU A 252 14.50 6.89 6.31
C LEU A 252 15.61 7.67 5.71
N ASN A 253 16.75 7.69 6.37
CA ASN A 253 17.91 8.35 5.80
C ASN A 253 18.36 7.74 4.52
N PHE A 254 18.29 6.41 4.46
CA PHE A 254 18.74 5.73 3.28
C PHE A 254 17.82 6.10 2.13
N CYS A 255 16.51 6.05 2.39
CA CYS A 255 15.58 6.38 1.34
C CYS A 255 15.76 7.80 0.84
N ARG A 256 15.96 8.78 1.73
CA ARG A 256 16.10 10.13 1.31
C ARG A 256 17.39 10.40 0.59
N SER A 257 18.37 9.53 0.75
CA SER A 257 19.63 9.65 0.05
C SER A 257 19.55 9.21 -1.38
N LEU A 258 18.55 8.45 -1.76
CA LEU A 258 18.56 7.80 -3.05
C LEU A 258 18.28 8.77 -4.10
N ARG A 259 18.97 8.69 -5.24
CA ARG A 259 18.71 9.57 -6.33
C ARG A 259 17.51 9.11 -7.14
N PHE A 260 17.02 9.99 -8.01
CA PHE A 260 15.76 9.77 -8.71
C PHE A 260 15.61 8.35 -9.35
N ASP A 261 16.55 8.00 -10.19
CA ASP A 261 16.46 6.74 -10.89
C ASP A 261 17.20 5.60 -10.20
N ASP A 262 17.75 5.82 -9.01
CA ASP A 262 18.48 4.77 -8.30
C ASP A 262 17.57 3.58 -7.94
N LYS A 263 18.15 2.39 -8.08
CA LYS A 263 17.54 1.16 -7.61
C LYS A 263 17.80 1.05 -6.13
N PRO A 264 16.75 0.92 -5.31
CA PRO A 264 17.00 0.73 -3.87
C PRO A 264 17.65 -0.62 -3.59
N ASP A 265 18.38 -0.66 -2.47
CA ASP A 265 18.86 -1.92 -1.89
C ASP A 265 17.79 -2.47 -0.88
N TYR A 266 16.86 -3.22 -1.41
CA TYR A 266 15.77 -3.81 -0.61
C TYR A 266 16.28 -4.76 0.44
N SER A 267 17.30 -5.53 0.13
CA SER A 267 17.89 -6.42 1.11
C SER A 267 18.51 -5.81 2.27
N TYR A 268 19.32 -4.80 2.02
CA TYR A 268 19.85 -4.00 3.09
C TYR A 268 18.75 -3.58 4.05
N LEU A 269 17.66 -3.05 3.56
CA LEU A 269 16.63 -2.49 4.46
C LEU A 269 15.89 -3.61 5.18
N ARG A 270 15.64 -4.73 4.51
CA ARG A 270 15.04 -5.85 5.20
C ARG A 270 16.00 -6.38 6.27
N GLN A 271 17.30 -6.33 5.99
CA GLN A 271 18.27 -6.92 6.89
C GLN A 271 18.39 -6.10 8.17
N LEU A 272 18.31 -4.79 8.04
CA LEU A 272 18.31 -3.92 9.21
C LEU A 272 17.22 -4.45 10.21
N PHE A 273 16.03 -4.71 9.72
CA PHE A 273 14.96 -5.08 10.57
C PHE A 273 15.04 -6.53 11.03
N ARG A 274 15.60 -7.41 10.20
CA ARG A 274 15.81 -8.79 10.61
C ARG A 274 16.80 -8.92 11.70
N ASN A 275 17.83 -8.11 11.63
CA ASN A 275 18.83 -8.15 12.65
C ASN A 275 18.30 -7.60 13.94
N LEU A 276 17.54 -6.51 13.88
CA LEU A 276 16.90 -5.97 15.07
C LEU A 276 15.98 -6.98 15.69
N PHE A 277 15.22 -7.67 14.86
CA PHE A 277 14.29 -8.72 15.26
C PHE A 277 15.03 -9.79 16.10
N HIS A 278 16.19 -10.21 15.60
CA HIS A 278 17.05 -11.17 16.29
C HIS A 278 17.55 -10.65 17.64
N ARG A 279 18.05 -9.41 17.69
CA ARG A 279 18.54 -8.82 18.95
C ARG A 279 17.43 -8.69 20.03
N GLN A 280 16.21 -8.51 19.59
CA GLN A 280 15.06 -8.39 20.48
C GLN A 280 14.55 -9.74 20.97
N GLY A 281 15.02 -10.84 20.37
CA GLY A 281 14.62 -12.20 20.77
C GLY A 281 13.19 -12.62 20.45
N PHE A 282 12.52 -11.95 19.54
CA PHE A 282 11.15 -12.28 19.16
C PHE A 282 11.07 -13.57 18.38
N SER A 283 9.91 -14.24 18.48
CA SER A 283 9.71 -15.44 17.70
C SER A 283 9.16 -15.07 16.35
N TYR A 284 9.71 -15.65 15.26
CA TYR A 284 9.18 -15.42 13.89
C TYR A 284 7.99 -16.38 13.64
N ASP A 285 6.94 -16.18 14.41
CA ASP A 285 5.78 -17.04 14.44
C ASP A 285 4.57 -16.37 13.76
N TYR A 286 4.76 -15.18 13.21
CA TYR A 286 3.68 -14.35 12.64
C TYR A 286 2.51 -14.18 13.60
N VAL A 287 2.80 -14.03 14.87
CA VAL A 287 1.74 -13.69 15.83
C VAL A 287 1.71 -12.15 15.96
N PHE A 288 0.75 -11.53 15.26
CA PHE A 288 0.57 -10.08 15.29
C PHE A 288 -0.26 -9.67 16.50
N ASP A 289 -0.26 -8.37 16.80
CA ASP A 289 -0.92 -7.86 17.98
C ASP A 289 -2.42 -8.24 18.03
N TRP A 290 -3.04 -8.22 16.87
CA TRP A 290 -4.45 -8.50 16.73
C TRP A 290 -4.77 -9.94 16.97
N ASN A 291 -3.82 -10.84 16.74
CA ASN A 291 -3.97 -12.24 17.13
C ASN A 291 -3.95 -12.40 18.62
N MET A 292 -3.27 -11.53 19.34
CA MET A 292 -3.30 -11.55 20.83
CA MET A 292 -3.38 -11.61 20.81
C MET A 292 -4.63 -10.96 21.45
N LEU A 293 -5.48 -10.40 20.62
CA LEU A 293 -6.73 -9.83 21.12
C LEU A 293 -7.75 -10.96 21.37
N LYS A 294 -8.71 -10.75 22.27
CA LYS A 294 -9.70 -11.79 22.60
C LYS A 294 -10.99 -11.19 23.22
#